data_7P6S
#
_entry.id   7P6S
#
_cell.length_a   33.480
_cell.length_b   59.500
_cell.length_c   87.040
_cell.angle_alpha   90.000
_cell.angle_beta   90.000
_cell.angle_gamma   90.000
#
_symmetry.space_group_name_H-M   'P 21 21 21'
#
loop_
_entity.id
_entity.type
_entity.pdbx_description
1 polymer 'Isoform Alpha of Pancreatic secretory granule membrane major glycoprotein GP2'
2 non-polymer 2-acetamido-2-deoxy-beta-D-glucopyranose
3 non-polymer pentane-1,5-diol
4 water water
#
_entity_poly.entity_id   1
_entity_poly.type   'polypeptide(L)'
_entity_poly.pdbx_seq_one_letter_code
;VQRGYGNPIEASSYGLDLDCGAPGTPEAHVCFDPCQNYTLLDEPFRSTENSAGSQGCDKNMSGWYRFVGEGGVRMSETCV
QVHRCQTDAPMWLNGTHPALGDGITNHTACAHWSGNCCFWKTEVLVKACPGGYHVYRLEGTPWCNLRYCTDPSHHHHHHH
H
;
_entity_poly.pdbx_strand_id   A
#
loop_
_chem_comp.id
_chem_comp.type
_chem_comp.name
_chem_comp.formula
9JE non-polymer pentane-1,5-diol 'C5 H12 O2'
NAG D-saccharide, beta linking 2-acetamido-2-deoxy-beta-D-glucopyranose 'C8 H15 N O6'
#
# COMPACT_ATOMS: atom_id res chain seq x y z
N TYR A 14 15.85 5.20 -2.07
CA TYR A 14 15.39 5.62 -0.75
C TYR A 14 16.42 5.29 0.32
N GLY A 15 16.33 5.99 1.45
CA GLY A 15 17.24 5.79 2.56
C GLY A 15 16.54 5.33 3.81
N LEU A 16 17.11 5.63 4.98
CA LEU A 16 16.47 5.24 6.23
C LEU A 16 15.17 5.98 6.44
N ASP A 17 15.18 7.30 6.30
CA ASP A 17 14.00 8.12 6.56
C ASP A 17 13.45 8.83 5.34
N LEU A 18 14.26 9.07 4.31
CA LEU A 18 13.85 9.87 3.16
C LEU A 18 13.89 9.05 1.89
N ASP A 19 13.05 9.43 0.94
CA ASP A 19 13.06 8.90 -0.41
C ASP A 19 13.61 9.96 -1.35
N CYS A 20 14.38 9.56 -2.35
CA CYS A 20 15.09 10.50 -3.20
C CYS A 20 14.73 10.31 -4.67
N GLY A 21 15.20 11.26 -5.48
CA GLY A 21 14.93 11.27 -6.89
C GLY A 21 15.62 10.14 -7.63
N ALA A 22 15.34 10.08 -8.93
CA ALA A 22 15.80 8.97 -9.74
C ALA A 22 17.32 8.88 -9.71
N PRO A 23 17.91 7.72 -9.39
CA PRO A 23 19.36 7.59 -9.47
C PRO A 23 19.86 7.91 -10.87
N GLY A 24 21.09 8.42 -10.93
CA GLY A 24 21.69 8.75 -12.21
C GLY A 24 21.16 9.99 -12.88
N THR A 25 20.35 10.78 -12.19
CA THR A 25 19.78 12.00 -12.73
C THR A 25 20.13 13.17 -11.83
N PRO A 26 20.01 14.41 -12.32
CA PRO A 26 20.32 15.57 -11.48
C PRO A 26 19.36 15.78 -10.31
N GLU A 27 18.35 14.94 -10.17
CA GLU A 27 17.47 14.98 -9.00
C GLU A 27 17.81 13.90 -7.99
N ALA A 28 18.86 13.12 -8.23
CA ALA A 28 19.17 11.99 -7.36
C ALA A 28 19.49 12.42 -5.94
N HIS A 29 19.91 13.67 -5.74
CA HIS A 29 20.19 14.17 -4.41
C HIS A 29 18.98 14.81 -3.75
N VAL A 30 17.88 14.95 -4.47
CA VAL A 30 16.68 15.61 -3.96
C VAL A 30 15.88 14.57 -3.20
N CYS A 31 15.80 14.72 -1.87
CA CYS A 31 15.14 13.74 -1.02
C CYS A 31 14.01 14.42 -0.25
N PHE A 32 13.01 13.62 0.13
CA PHE A 32 11.85 14.14 0.84
C PHE A 32 11.39 13.11 1.86
N ASP A 33 10.69 13.60 2.88
CA ASP A 33 10.06 12.73 3.85
C ASP A 33 8.71 12.27 3.33
N PRO A 34 8.51 10.97 3.10
CA PRO A 34 7.21 10.52 2.59
C PRO A 34 6.04 10.92 3.46
N CYS A 35 6.25 11.09 4.76
CA CYS A 35 5.15 11.49 5.64
C CYS A 35 4.62 12.86 5.30
N GLN A 36 5.36 13.65 4.53
N GLN A 36 5.36 13.65 4.53
CA GLN A 36 4.94 15.00 4.15
CA GLN A 36 4.97 15.00 4.14
C GLN A 36 4.74 15.14 2.65
C GLN A 36 4.73 15.15 2.64
N ASN A 37 4.70 14.04 1.89
CA ASN A 37 4.55 14.12 0.45
C ASN A 37 3.96 12.82 -0.07
N TYR A 38 2.66 12.66 0.10
CA TYR A 38 1.94 11.49 -0.36
C TYR A 38 0.66 11.91 -1.08
N THR A 39 0.06 10.93 -1.77
CA THR A 39 -1.28 11.05 -2.33
C THR A 39 -2.27 10.51 -1.31
N LEU A 40 -3.30 11.29 -1.03
CA LEU A 40 -4.32 10.92 -0.06
C LEU A 40 -5.48 10.25 -0.77
N LEU A 41 -5.86 9.06 -0.30
CA LEU A 41 -6.97 8.31 -0.86
C LEU A 41 -8.01 8.05 0.21
N ASP A 42 -9.23 8.52 -0.03
CA ASP A 42 -10.39 8.25 0.82
C ASP A 42 -11.35 7.46 -0.06
N GLU A 43 -11.14 6.14 -0.10
CA GLU A 43 -11.82 5.25 -1.04
C GLU A 43 -12.37 4.07 -0.26
N PRO A 44 -13.56 4.23 0.34
CA PRO A 44 -14.13 3.14 1.14
C PRO A 44 -14.26 1.83 0.38
N PHE A 45 -14.32 1.87 -0.95
CA PHE A 45 -14.47 0.64 -1.72
C PHE A 45 -13.28 -0.29 -1.55
N ARG A 46 -12.15 0.20 -1.04
CA ARG A 46 -10.97 -0.61 -0.78
C ARG A 46 -11.13 -1.55 0.41
N SER A 47 -12.21 -1.41 1.17
CA SER A 47 -12.36 -2.20 2.39
C SER A 47 -12.29 -3.69 2.10
N THR A 48 -11.58 -4.42 2.96
CA THR A 48 -11.55 -5.86 2.90
C THR A 48 -12.93 -6.48 3.12
N GLU A 49 -13.87 -5.72 3.66
CA GLU A 49 -15.22 -6.22 3.88
C GLU A 49 -16.18 -5.89 2.74
N ASN A 50 -15.75 -5.10 1.76
CA ASN A 50 -16.61 -4.68 0.67
C ASN A 50 -16.58 -5.74 -0.43
N SER A 51 -17.74 -6.34 -0.70
CA SER A 51 -17.87 -7.36 -1.74
C SER A 51 -18.53 -6.86 -3.01
N ALA A 52 -18.74 -5.55 -3.15
CA ALA A 52 -19.47 -5.00 -4.27
C ALA A 52 -18.54 -4.27 -5.23
N GLY A 53 -19.14 -3.60 -6.20
CA GLY A 53 -18.42 -2.70 -7.09
C GLY A 53 -17.88 -3.38 -8.33
N SER A 54 -17.75 -2.60 -9.39
CA SER A 54 -17.11 -3.08 -10.60
C SER A 54 -15.61 -3.19 -10.36
N GLN A 55 -15.08 -4.40 -10.47
CA GLN A 55 -13.67 -4.63 -10.16
C GLN A 55 -12.78 -3.67 -10.92
N GLY A 56 -11.84 -3.07 -10.19
CA GLY A 56 -10.83 -2.20 -10.76
C GLY A 56 -9.44 -2.68 -10.42
N CYS A 57 -8.44 -1.87 -10.76
CA CYS A 57 -7.04 -2.28 -10.64
C CYS A 57 -6.22 -1.06 -10.29
N ASP A 58 -5.24 -1.25 -9.40
CA ASP A 58 -4.34 -0.19 -8.98
C ASP A 58 -3.10 -0.07 -9.86
N LYS A 59 -3.21 -0.48 -11.14
CA LYS A 59 -2.06 -0.50 -12.03
C LYS A 59 -1.39 0.85 -12.19
N ASN A 60 -2.11 1.95 -11.96
CA ASN A 60 -1.55 3.28 -12.19
C ASN A 60 -0.87 3.88 -10.97
N MET A 61 -0.84 3.19 -9.84
CA MET A 61 -0.29 3.80 -8.64
C MET A 61 1.20 4.05 -8.79
N SER A 62 1.66 5.17 -8.23
CA SER A 62 3.08 5.45 -8.18
C SER A 62 3.34 6.42 -7.02
N GLY A 63 4.44 6.21 -6.31
CA GLY A 63 4.78 7.07 -5.21
C GLY A 63 4.13 6.64 -3.90
N TRP A 64 4.04 7.59 -2.99
CA TRP A 64 3.60 7.32 -1.62
C TRP A 64 2.13 7.67 -1.45
N TYR A 65 1.46 6.88 -0.61
CA TYR A 65 0.02 6.95 -0.42
C TYR A 65 -0.33 6.87 1.05
N ARG A 66 -1.36 7.64 1.43
CA ARG A 66 -2.01 7.50 2.72
C ARG A 66 -3.49 7.20 2.49
N PHE A 67 -4.00 6.22 3.22
CA PHE A 67 -5.39 5.82 3.15
C PHE A 67 -6.14 6.34 4.36
N VAL A 68 -7.31 6.93 4.13
CA VAL A 68 -8.16 7.45 5.19
C VAL A 68 -9.61 7.11 4.87
N GLY A 69 -10.48 7.28 5.86
CA GLY A 69 -11.90 7.17 5.65
C GLY A 69 -12.48 5.86 6.15
N GLU A 70 -13.74 5.63 5.75
CA GLU A 70 -14.51 4.51 6.27
C GLU A 70 -13.92 3.16 5.88
N GLY A 71 -13.15 3.09 4.80
CA GLY A 71 -12.56 1.84 4.38
C GLY A 71 -11.39 1.38 5.22
N GLY A 72 -10.87 2.24 6.08
CA GLY A 72 -9.74 1.90 6.91
C GLY A 72 -8.51 2.74 6.57
N VAL A 73 -7.55 2.71 7.49
CA VAL A 73 -6.35 3.55 7.41
C VAL A 73 -5.09 2.74 7.19
N ARG A 74 -5.19 1.42 7.15
CA ARG A 74 -4.03 0.57 6.95
C ARG A 74 -4.35 -0.58 6.01
N MET A 75 -3.32 -1.07 5.35
CA MET A 75 -3.37 -2.32 4.60
C MET A 75 -3.62 -3.46 5.57
N SER A 76 -4.26 -4.51 5.08
CA SER A 76 -4.49 -5.70 5.89
C SER A 76 -3.19 -6.46 6.08
N GLU A 77 -3.01 -7.01 7.28
CA GLU A 77 -1.87 -7.88 7.58
C GLU A 77 -2.23 -9.35 7.41
N THR A 78 -3.45 -9.66 6.97
CA THR A 78 -3.89 -11.03 6.78
C THR A 78 -4.54 -11.19 5.41
N CYS A 79 -4.50 -12.42 4.91
CA CYS A 79 -5.05 -12.70 3.59
C CYS A 79 -6.52 -12.31 3.52
N VAL A 80 -6.89 -11.65 2.42
CA VAL A 80 -8.24 -11.16 2.21
C VAL A 80 -8.95 -12.09 1.23
N GLN A 81 -10.24 -12.33 1.47
CA GLN A 81 -11.01 -13.19 0.58
C GLN A 81 -11.06 -12.57 -0.82
N VAL A 82 -11.12 -13.44 -1.84
CA VAL A 82 -11.19 -12.95 -3.21
C VAL A 82 -12.47 -12.15 -3.43
N HIS A 83 -12.44 -11.29 -4.45
CA HIS A 83 -13.58 -10.46 -4.82
C HIS A 83 -13.98 -9.51 -3.69
N ARG A 84 -12.99 -8.93 -3.05
CA ARG A 84 -13.17 -7.87 -2.07
C ARG A 84 -12.39 -6.65 -2.54
N CYS A 85 -12.62 -5.52 -1.86
CA CYS A 85 -11.84 -4.30 -2.10
C CYS A 85 -12.04 -3.74 -3.50
N GLN A 86 -13.19 -4.00 -4.11
CA GLN A 86 -13.48 -3.57 -5.46
C GLN A 86 -12.44 -4.08 -6.45
N THR A 87 -12.06 -5.35 -6.31
CA THR A 87 -11.09 -5.94 -7.22
C THR A 87 -11.32 -7.44 -7.26
N ASP A 88 -10.54 -8.13 -8.08
CA ASP A 88 -10.62 -9.58 -8.17
C ASP A 88 -9.66 -10.25 -7.20
N ALA A 89 -8.36 -9.95 -7.32
CA ALA A 89 -7.34 -10.54 -6.47
C ALA A 89 -6.89 -9.48 -5.47
N PRO A 90 -7.38 -9.51 -4.24
CA PRO A 90 -7.03 -8.45 -3.27
C PRO A 90 -5.62 -8.62 -2.74
N MET A 91 -4.98 -7.48 -2.47
CA MET A 91 -3.59 -7.46 -2.04
C MET A 91 -3.50 -7.06 -0.57
N TRP A 92 -2.64 -7.75 0.16
CA TRP A 92 -2.46 -7.57 1.59
C TRP A 92 -0.97 -7.55 1.91
N LEU A 93 -0.65 -7.10 3.12
CA LEU A 93 0.74 -6.90 3.52
C LEU A 93 1.25 -8.16 4.22
N ASN A 94 2.16 -8.88 3.56
CA ASN A 94 2.83 -10.07 4.10
C ASN A 94 3.98 -9.64 5.01
N GLY A 95 3.60 -8.92 6.06
CA GLY A 95 4.58 -8.38 7.00
C GLY A 95 3.87 -7.67 8.14
N THR A 96 4.68 -7.07 9.01
CA THR A 96 4.21 -6.35 10.18
C THR A 96 4.50 -4.86 10.03
N HIS A 97 3.53 -4.03 10.39
CA HIS A 97 3.69 -2.60 10.21
C HIS A 97 4.81 -2.07 11.11
N PRO A 98 5.60 -1.13 10.65
CA PRO A 98 6.65 -0.54 11.50
C PRO A 98 6.07 0.41 12.54
N ALA A 99 6.88 0.66 13.56
CA ALA A 99 6.61 1.68 14.55
C ALA A 99 7.31 2.98 14.16
N LEU A 100 6.81 4.09 14.71
CA LEU A 100 7.42 5.39 14.44
C LEU A 100 8.85 5.40 14.96
N GLY A 101 9.79 5.70 14.08
CA GLY A 101 11.21 5.62 14.36
C GLY A 101 11.92 4.48 13.65
N ASP A 102 11.18 3.54 13.08
CA ASP A 102 11.78 2.41 12.37
C ASP A 102 12.27 2.78 10.97
N GLY A 103 11.89 3.96 10.47
CA GLY A 103 12.28 4.37 9.15
C GLY A 103 11.45 3.69 8.07
N ILE A 104 11.91 3.87 6.83
CA ILE A 104 11.28 3.23 5.69
C ILE A 104 11.62 1.74 5.71
N THR A 105 10.60 0.90 5.63
CA THR A 105 10.78 -0.55 5.68
C THR A 105 10.26 -1.15 4.37
N ASN A 106 10.95 -2.18 3.88
N ASN A 106 10.94 -2.22 3.95
CA ASN A 106 10.57 -2.84 2.65
CA ASN A 106 10.66 -2.94 2.71
C ASN A 106 9.84 -4.14 2.95
C ASN A 106 9.81 -4.16 3.02
N HIS A 107 8.73 -4.35 2.25
CA HIS A 107 7.83 -5.47 2.51
C HIS A 107 7.35 -6.10 1.21
N THR A 108 6.79 -7.30 1.36
CA THR A 108 6.09 -7.97 0.27
C THR A 108 4.59 -7.79 0.43
N ALA A 109 3.92 -7.39 -0.64
CA ALA A 109 2.47 -7.44 -0.71
C ALA A 109 2.08 -8.66 -1.55
N CYS A 110 1.07 -9.39 -1.08
CA CYS A 110 0.61 -10.62 -1.72
C CYS A 110 -0.81 -10.43 -2.22
N ALA A 111 -1.12 -11.00 -3.39
CA ALA A 111 -2.47 -11.01 -3.94
C ALA A 111 -3.05 -12.41 -3.82
N HIS A 112 -4.27 -12.50 -3.29
CA HIS A 112 -4.96 -13.78 -3.12
C HIS A 112 -5.73 -14.12 -4.38
N TRP A 113 -5.46 -15.29 -4.95
CA TRP A 113 -6.20 -15.77 -6.10
C TRP A 113 -6.03 -17.28 -6.19
N SER A 114 -7.06 -17.96 -6.70
CA SER A 114 -6.99 -19.38 -7.03
C SER A 114 -6.41 -20.21 -5.89
N GLY A 115 -6.99 -20.06 -4.70
CA GLY A 115 -6.60 -20.87 -3.57
C GLY A 115 -5.22 -20.59 -3.03
N ASN A 116 -4.63 -19.45 -3.36
CA ASN A 116 -3.23 -19.15 -3.10
C ASN A 116 -3.19 -17.71 -2.59
N CYS A 117 -2.90 -17.54 -1.31
CA CYS A 117 -2.94 -16.21 -0.71
C CYS A 117 -1.78 -15.34 -1.15
N CYS A 118 -0.83 -15.86 -1.91
CA CYS A 118 0.24 -15.07 -2.49
C CYS A 118 0.46 -15.48 -3.95
N PHE A 119 -0.64 -15.51 -4.70
CA PHE A 119 -0.60 -15.87 -6.12
C PHE A 119 0.23 -14.89 -6.92
N TRP A 120 0.20 -13.61 -6.53
CA TRP A 120 1.08 -12.58 -7.05
C TRP A 120 1.76 -11.91 -5.87
N LYS A 121 2.97 -11.39 -6.10
CA LYS A 121 3.61 -10.57 -5.08
C LYS A 121 4.32 -9.39 -5.72
N THR A 122 4.51 -8.35 -4.91
CA THR A 122 5.24 -7.18 -5.35
C THR A 122 5.79 -6.50 -4.10
N GLU A 123 6.82 -5.67 -4.30
N GLU A 123 6.79 -5.66 -4.30
CA GLU A 123 7.41 -4.94 -3.20
CA GLU A 123 7.41 -4.95 -3.19
C GLU A 123 6.58 -3.69 -2.89
C GLU A 123 6.63 -3.68 -2.89
N VAL A 124 6.46 -3.40 -1.60
CA VAL A 124 5.88 -2.16 -1.12
C VAL A 124 6.76 -1.65 0.01
N LEU A 125 6.88 -0.34 0.12
CA LEU A 125 7.57 0.28 1.25
C LEU A 125 6.52 0.83 2.21
N VAL A 126 6.84 0.79 3.50
CA VAL A 126 5.93 1.27 4.53
C VAL A 126 6.71 2.12 5.53
N LYS A 127 6.12 3.26 5.91
CA LYS A 127 6.72 4.10 6.94
C LYS A 127 5.65 4.59 7.90
N ALA A 128 5.96 4.53 9.20
CA ALA A 128 5.14 5.14 10.22
C ALA A 128 5.50 6.62 10.37
N CYS A 129 4.48 7.45 10.63
CA CYS A 129 4.63 8.89 10.56
C CYS A 129 4.19 9.58 11.85
N PRO A 130 4.81 10.71 12.18
CA PRO A 130 4.30 11.51 13.29
C PRO A 130 2.82 11.81 13.10
N GLY A 131 2.05 11.65 14.17
CA GLY A 131 0.62 11.80 14.12
C GLY A 131 -0.16 10.50 14.06
N GLY A 132 0.53 9.35 14.09
CA GLY A 132 -0.14 8.08 14.20
C GLY A 132 -0.70 7.52 12.92
N TYR A 133 -0.06 7.77 11.78
CA TYR A 133 -0.49 7.18 10.52
C TYR A 133 0.70 6.55 9.80
N HIS A 134 0.37 5.74 8.81
CA HIS A 134 1.35 5.08 7.96
C HIS A 134 1.19 5.56 6.52
N VAL A 135 2.30 5.56 5.79
CA VAL A 135 2.30 5.79 4.36
C VAL A 135 2.92 4.58 3.67
N TYR A 136 2.50 4.36 2.43
CA TYR A 136 2.91 3.20 1.64
C TYR A 136 3.42 3.67 0.29
N ARG A 137 4.55 3.12 -0.15
CA ARG A 137 5.01 3.36 -1.52
C ARG A 137 4.52 2.21 -2.40
N LEU A 138 3.67 2.54 -3.35
CA LEU A 138 2.98 1.55 -4.19
C LEU A 138 3.29 1.86 -5.64
N GLU A 139 3.93 0.91 -6.33
CA GLU A 139 4.35 1.08 -7.71
C GLU A 139 3.61 0.07 -8.58
N GLY A 140 2.44 0.47 -9.06
CA GLY A 140 1.61 -0.32 -9.93
C GLY A 140 1.13 -1.61 -9.27
N THR A 141 0.80 -2.58 -10.12
CA THR A 141 0.46 -3.93 -9.70
C THR A 141 1.14 -4.90 -10.65
N PRO A 142 1.31 -6.16 -10.23
CA PRO A 142 1.93 -7.15 -11.11
C PRO A 142 0.98 -7.77 -12.11
N TRP A 143 -0.32 -7.53 -11.95
CA TRP A 143 -1.37 -8.09 -12.81
C TRP A 143 -2.61 -7.25 -12.55
N CYS A 144 -3.67 -7.52 -13.30
CA CYS A 144 -4.98 -6.93 -13.04
C CYS A 144 -6.03 -8.03 -13.17
N ASN A 145 -7.14 -7.91 -12.42
CA ASN A 145 -7.46 -6.81 -11.53
C ASN A 145 -7.03 -7.12 -10.11
N LEU A 146 -6.09 -6.30 -9.61
CA LEU A 146 -5.58 -6.36 -8.26
C LEU A 146 -5.68 -4.96 -7.65
N ARG A 147 -5.93 -4.90 -6.35
CA ARG A 147 -5.91 -3.63 -5.62
C ARG A 147 -5.34 -3.85 -4.23
N TYR A 148 -4.72 -2.79 -3.70
CA TYR A 148 -4.26 -2.77 -2.31
C TYR A 148 -5.45 -2.46 -1.42
N CYS A 149 -5.85 -3.42 -0.58
CA CYS A 149 -7.00 -3.27 0.28
C CYS A 149 -6.66 -2.43 1.51
N THR A 150 -7.70 -1.91 2.16
CA THR A 150 -7.57 -1.32 3.48
C THR A 150 -8.46 -2.09 4.46
N ASP A 151 -7.97 -2.21 5.70
CA ASP A 151 -8.65 -2.94 6.75
C ASP A 151 -9.48 -1.96 7.57
N PRO A 152 -10.80 -2.04 7.54
CA PRO A 152 -11.61 -1.07 8.29
C PRO A 152 -11.58 -1.26 9.79
N SER A 153 -10.99 -2.34 10.29
CA SER A 153 -10.82 -2.49 11.73
C SER A 153 -9.87 -1.44 12.29
N HIS A 154 -8.94 -0.96 11.46
CA HIS A 154 -8.08 0.16 11.82
C HIS A 154 -8.79 1.45 11.42
N HIS A 155 -9.28 2.18 12.41
CA HIS A 155 -10.10 3.36 12.18
C HIS A 155 -9.24 4.62 12.13
C1 NAG B . 6.81 13.99 -3.86
C2 NAG B . 7.84 14.99 -4.38
C3 NAG B . 7.97 14.87 -5.90
C4 NAG B . 8.24 13.42 -6.30
C5 NAG B . 7.20 12.50 -5.71
C6 NAG B . 7.48 11.04 -5.97
C7 NAG B . 8.06 17.01 -3.01
C8 NAG B . 7.57 18.40 -2.77
N2 NAG B . 7.49 16.35 -4.02
O3 NAG B . 9.03 15.71 -6.35
O4 NAG B . 8.22 13.30 -7.72
O5 NAG B . 7.16 12.67 -4.28
O6 NAG B . 6.52 10.20 -5.32
O7 NAG B . 8.96 16.51 -2.32
H2 NAG B . 8.71 14.77 -3.99
H3 NAG B . 7.13 15.16 -6.32
H4 NAG B . 9.13 13.16 -5.98
H5 NAG B . 6.32 12.72 -6.08
H61 NAG B . 8.37 10.83 -5.63
H62 NAG B . 7.44 10.87 -6.93
H81 NAG B . 6.69 18.36 -2.35
H82 NAG B . 7.49 18.88 -3.61
H83 NAG B . 8.19 18.88 -2.18
HN2 NAG B . 6.83 16.76 -4.49
HO3 NAG B . 9.22 15.52 -7.19
HO4 NAG B . 8.66 12.56 -7.97
HO6 NAG B . 6.77 9.36 -5.41
C1 NAG C . 4.13 -14.09 4.85
C2 NAG C . 4.91 -14.14 6.16
C3 NAG C . 5.37 -15.56 6.44
C4 NAG C . 4.19 -16.54 6.38
C5 NAG C . 3.39 -16.36 5.10
C6 NAG C . 2.09 -17.14 5.11
C7 NAG C . 6.14 -12.14 6.89
C8 NAG C . 7.40 -11.33 6.74
N2 NAG C . 6.05 -13.23 6.13
O3 NAG C . 5.98 -15.63 7.72
O4 NAG C . 4.68 -17.87 6.42
O5 NAG C . 3.03 -14.98 4.93
O6 NAG C . 1.26 -16.76 6.20
O7 NAG C . 5.25 -11.81 7.67
H2 NAG C . 4.32 -13.85 6.88
H3 NAG C . 6.02 -15.82 5.76
H4 NAG C . 3.61 -16.35 7.14
H5 NAG C . 3.94 -16.63 4.35
H61 NAG C . 2.30 -18.09 5.18
H62 NAG C . 1.61 -16.98 4.27
H81 NAG C . 7.33 -10.78 5.94
H82 NAG C . 8.16 -11.93 6.66
H83 NAG C . 7.51 -10.76 7.52
HN2 NAG C . 6.74 -13.42 5.56
HO3 NAG C . 6.04 -16.48 7.99
HO4 NAG C . 4.00 -18.43 6.30
HO6 NAG C . 0.43 -17.01 6.04
C02 9JE D . -9.03 -11.24 -13.45
C03 9JE D . -9.15 -12.21 -12.31
C04 9JE D . -8.02 -12.13 -11.32
C05 9JE D . -6.71 -12.65 -11.86
C06 9JE D . -5.64 -12.80 -10.82
O01 9JE D . -9.30 -9.91 -13.02
O07 9JE D . -4.50 -13.48 -11.34
H1 9JE D . -9.65 -11.49 -14.16
H2 9JE D . -8.11 -11.28 -13.82
H3 9JE D . -9.20 -13.11 -12.66
H4 9JE D . -10.00 -12.03 -11.84
H5 9JE D . -8.26 -12.64 -10.51
H6 9JE D . -7.89 -11.19 -11.05
H7 9JE D . -6.39 -12.05 -12.56
H8 9JE D . -6.87 -13.53 -12.27
H9 9JE D . -5.37 -11.91 -10.49
H10 9JE D . -5.99 -13.30 -10.05
H11 9JE D . -8.97 -9.80 -12.25
H12 9JE D . -4.10 -13.86 -10.71
#